data_8CCZ
#
_entry.id   8CCZ
#
_cell.length_a   54.545
_cell.length_b   78.124
_cell.length_c   76.575
_cell.angle_alpha   90.000
_cell.angle_beta   96.093
_cell.angle_gamma   90.000
#
_symmetry.space_group_name_H-M   'P 1 21 1'
#
loop_
_entity.id
_entity.type
_entity.pdbx_description
1 polymer 'NAD-dependent protein deacetylase sirtuin-3, mitochondrial'
2 polymer 'Protein Tat'
3 non-polymer 'ZINC ION'
4 water water
#
loop_
_entity_poly.entity_id
_entity_poly.type
_entity_poly.pdbx_seq_one_letter_code
_entity_poly.pdbx_strand_id
1 'polypeptide(L)'
;SDKGKLSLQDVAELIRARACQRVVVMVGAGISTPSGIPDFRSPGSGLYSNLQQYDLPYPEAIFELPFFFHNPKPFFTLAK
ELYPGNYKPNVTHYFLRLLHDKGLLLRLYTQNIDGLERVSGIPASKLVEAHGTFASATCTVCQRPFPGEDIRADVMADRV
PRCPVCTGVVKPDIVFFGEPLPQRFLLHVVDFPMADLLLILGTSLEVEPFASLTEAVRSSVPRLLINRDLVGPLAWHPRS
RDVAQLGDVVHGVESLVELLGWTEEMRDLVQRETGKLDGPDK
;
A,B
2 'polypeptide(L)' AFITKGLGISYGRKKRRQRRRPS C,D
#
# COMPACT_ATOMS: atom_id res chain seq x y z
N LYS A 5 -38.08 -0.52 8.97
CA LYS A 5 -37.20 -0.68 10.12
C LYS A 5 -37.18 -2.13 10.59
N LEU A 6 -36.07 -2.81 10.36
CA LEU A 6 -35.93 -4.21 10.77
C LEU A 6 -35.53 -4.31 12.23
N SER A 7 -35.78 -5.49 12.80
CA SER A 7 -35.44 -5.79 14.18
C SER A 7 -34.32 -6.84 14.22
N LEU A 8 -33.91 -7.18 15.44
CA LEU A 8 -32.91 -8.23 15.60
C LEU A 8 -33.48 -9.60 15.23
N GLN A 9 -34.72 -9.86 15.64
CA GLN A 9 -35.35 -11.13 15.29
C GLN A 9 -35.60 -11.24 13.80
N ASP A 10 -35.86 -10.12 13.12
CA ASP A 10 -36.02 -10.14 11.68
C ASP A 10 -34.74 -10.60 10.98
N VAL A 11 -33.59 -10.09 11.43
CA VAL A 11 -32.32 -10.53 10.86
C VAL A 11 -32.07 -12.00 11.19
N ALA A 12 -32.48 -12.43 12.39
CA ALA A 12 -32.31 -13.83 12.77
C ALA A 12 -33.16 -14.74 11.89
N GLU A 13 -34.39 -14.34 11.60
CA GLU A 13 -35.26 -15.17 10.77
C GLU A 13 -34.72 -15.29 9.34
N LEU A 14 -34.11 -14.22 8.83
CA LEU A 14 -33.52 -14.28 7.49
C LEU A 14 -32.37 -15.26 7.44
N ILE A 15 -31.61 -15.36 8.53
CA ILE A 15 -30.49 -16.32 8.57
C ILE A 15 -31.01 -17.74 8.74
N ARG A 16 -32.09 -17.92 9.52
CA ARG A 16 -32.63 -19.26 9.73
C ARG A 16 -33.22 -19.83 8.45
N ALA A 17 -33.91 -19.00 7.65
CA ALA A 17 -34.45 -19.42 6.38
C ALA A 17 -33.44 -19.33 5.25
N ARG A 18 -32.17 -19.08 5.56
CA ARG A 18 -31.10 -19.03 4.56
C ARG A 18 -31.35 -17.93 3.52
N ALA A 19 -32.13 -16.92 3.90
CA ALA A 19 -32.32 -15.77 3.02
C ALA A 19 -31.05 -14.96 2.90
N CYS A 20 -30.24 -14.92 3.95
CA CYS A 20 -28.93 -14.27 3.95
C CYS A 20 -27.88 -15.34 4.23
N GLN A 21 -27.16 -15.75 3.18
CA GLN A 21 -26.18 -16.82 3.29
C GLN A 21 -24.82 -16.43 2.71
N ARG A 22 -24.60 -15.14 2.47
CA ARG A 22 -23.29 -14.60 2.06
C ARG A 22 -22.98 -13.41 2.95
N VAL A 23 -22.72 -13.69 4.22
CA VAL A 23 -22.54 -12.67 5.23
C VAL A 23 -21.07 -12.23 5.26
N VAL A 24 -20.84 -10.93 5.18
CA VAL A 24 -19.52 -10.35 5.43
C VAL A 24 -19.56 -9.73 6.82
N VAL A 25 -18.47 -9.89 7.57
CA VAL A 25 -18.39 -9.44 8.95
C VAL A 25 -17.23 -8.48 9.12
N MET A 26 -17.48 -7.39 9.84
CA MET A 26 -16.45 -6.42 10.21
C MET A 26 -16.40 -6.36 11.73
N VAL A 27 -15.22 -6.65 12.29
CA VAL A 27 -15.06 -6.71 13.74
C VAL A 27 -13.91 -5.81 14.17
N GLY A 28 -13.99 -5.35 15.41
CA GLY A 28 -12.94 -4.55 16.01
C GLY A 28 -12.53 -5.06 17.37
N ALA A 29 -11.86 -4.23 18.16
CA ALA A 29 -11.32 -4.67 19.45
C ALA A 29 -12.42 -5.04 20.44
N GLY A 30 -13.65 -4.60 20.22
CA GLY A 30 -14.73 -4.86 21.16
C GLY A 30 -15.06 -6.33 21.31
N ILE A 31 -14.74 -7.15 20.31
CA ILE A 31 -15.04 -8.58 20.36
C ILE A 31 -13.95 -9.38 21.06
N SER A 32 -12.80 -8.79 21.34
CA SER A 32 -11.69 -9.49 21.98
C SER A 32 -11.46 -9.09 23.42
N THR A 33 -12.02 -7.97 23.87
CA THR A 33 -12.00 -7.64 25.30
C THR A 33 -12.56 -8.75 26.18
N PRO A 34 -13.62 -9.48 25.81
CA PRO A 34 -14.07 -10.61 26.65
C PRO A 34 -13.01 -11.67 26.86
N SER A 35 -12.05 -11.80 25.95
CA SER A 35 -10.95 -12.76 26.12
C SER A 35 -9.94 -12.32 27.14
N GLY A 36 -10.07 -11.12 27.69
CA GLY A 36 -9.12 -10.60 28.65
C GLY A 36 -8.03 -9.71 28.07
N ILE A 37 -8.06 -9.46 26.77
CA ILE A 37 -7.08 -8.61 26.11
C ILE A 37 -7.25 -7.18 26.63
N PRO A 38 -6.25 -6.61 27.29
CA PRO A 38 -6.44 -5.31 27.94
C PRO A 38 -6.35 -4.15 26.97
N ASP A 39 -7.08 -3.09 27.31
CA ASP A 39 -6.99 -1.82 26.58
C ASP A 39 -5.83 -1.02 27.17
N PHE A 40 -4.75 -0.90 26.41
CA PHE A 40 -3.54 -0.26 26.92
C PHE A 40 -3.69 1.25 27.10
N ARG A 41 -4.87 1.84 26.94
CA ARG A 41 -5.06 3.26 27.17
C ARG A 41 -5.48 3.57 28.60
N SER A 42 -5.96 2.58 29.35
CA SER A 42 -6.47 2.77 30.69
C SER A 42 -5.63 1.98 31.70
N PRO A 43 -5.48 2.50 32.92
CA PRO A 43 -4.66 1.81 33.93
C PRO A 43 -5.31 0.52 34.39
N GLY A 44 -4.50 -0.30 35.06
CA GLY A 44 -4.98 -1.54 35.64
C GLY A 44 -4.18 -2.76 35.25
N SER A 45 -4.03 -3.00 33.95
CA SER A 45 -3.39 -4.21 33.47
C SER A 45 -1.87 -4.14 33.62
N GLY A 46 -1.24 -5.31 33.59
CA GLY A 46 0.21 -5.37 33.55
C GLY A 46 0.80 -4.84 32.26
N LEU A 47 0.03 -4.84 31.18
CA LEU A 47 0.48 -4.23 29.94
C LEU A 47 0.58 -2.72 30.08
N TYR A 48 -0.42 -2.09 30.70
CA TYR A 48 -0.37 -0.65 30.94
C TYR A 48 0.82 -0.28 31.81
N SER A 49 1.06 -1.06 32.87
CA SER A 49 2.20 -0.78 33.75
C SER A 49 3.52 -0.95 33.01
N ASN A 50 3.63 -1.98 32.18
CA ASN A 50 4.84 -2.20 31.40
C ASN A 50 5.04 -1.14 30.32
N LEU A 51 3.98 -0.44 29.93
CA LEU A 51 4.09 0.63 28.95
C LEU A 51 4.29 2.00 29.59
N GLN A 52 4.04 2.12 30.91
CA GLN A 52 4.20 3.41 31.58
C GLN A 52 5.66 3.86 31.60
N GLN A 53 6.60 2.91 31.69
CA GLN A 53 8.01 3.27 31.76
C GLN A 53 8.48 4.04 30.53
N TYR A 54 7.78 3.90 29.41
CA TYR A 54 8.10 4.63 28.19
C TYR A 54 7.25 5.88 28.10
N ASP A 55 7.88 7.00 27.72
CA ASP A 55 7.22 8.31 27.73
C ASP A 55 6.36 8.47 26.47
N LEU A 56 5.30 7.66 26.43
CA LEU A 56 4.36 7.74 25.32
C LEU A 56 3.56 9.04 25.41
N PRO A 57 3.62 9.92 24.41
CA PRO A 57 2.79 11.13 24.46
C PRO A 57 1.31 10.83 24.36
N TYR A 58 0.95 9.72 23.73
CA TYR A 58 -0.42 9.26 23.61
C TYR A 58 -0.40 7.79 23.25
N PRO A 59 -1.43 7.02 23.63
CA PRO A 59 -1.38 5.57 23.38
C PRO A 59 -1.23 5.19 21.92
N GLU A 60 -1.79 5.97 21.00
CA GLU A 60 -1.73 5.64 19.58
C GLU A 60 -0.32 5.77 19.00
N ALA A 61 0.63 6.35 19.74
CA ALA A 61 2.00 6.44 19.25
C ALA A 61 2.63 5.07 19.09
N ILE A 62 2.10 4.05 19.78
CA ILE A 62 2.63 2.70 19.66
C ILE A 62 2.42 2.12 18.27
N PHE A 63 1.48 2.67 17.50
CA PHE A 63 1.25 2.26 16.12
C PHE A 63 1.66 3.34 15.12
N GLU A 64 2.58 4.22 15.50
CA GLU A 64 3.10 5.24 14.61
C GLU A 64 4.56 4.96 14.28
N LEU A 65 4.91 5.06 13.01
CA LEU A 65 6.25 4.74 12.53
C LEU A 65 7.33 5.68 13.05
N PRO A 66 7.12 7.01 13.08
CA PRO A 66 8.17 7.89 13.64
C PRO A 66 8.52 7.55 15.09
N PHE A 67 7.52 7.32 15.94
CA PHE A 67 7.82 6.94 17.32
C PHE A 67 8.40 5.53 17.39
N PHE A 68 8.03 4.66 16.46
CA PHE A 68 8.56 3.30 16.47
C PHE A 68 10.07 3.29 16.30
N PHE A 69 10.57 4.06 15.33
CA PHE A 69 12.01 4.15 15.13
C PHE A 69 12.69 5.02 16.18
N HIS A 70 11.94 5.89 16.85
CA HIS A 70 12.50 6.59 18.01
C HIS A 70 12.76 5.63 19.16
N ASN A 71 11.78 4.77 19.45
CA ASN A 71 11.90 3.75 20.49
C ASN A 71 10.93 2.61 20.19
N PRO A 72 11.41 1.49 19.66
CA PRO A 72 10.50 0.38 19.33
C PRO A 72 10.12 -0.48 20.53
N LYS A 73 10.74 -0.28 21.68
CA LYS A 73 10.44 -1.13 22.84
C LYS A 73 8.98 -1.09 23.29
N PRO A 74 8.29 0.06 23.30
CA PRO A 74 6.85 0.02 23.65
C PRO A 74 6.04 -0.90 22.74
N PHE A 75 6.30 -0.88 21.43
CA PHE A 75 5.54 -1.74 20.53
C PHE A 75 5.79 -3.21 20.81
N PHE A 76 7.06 -3.59 20.99
CA PHE A 76 7.39 -4.98 21.25
C PHE A 76 6.94 -5.42 22.64
N THR A 77 6.69 -4.49 23.56
CA THR A 77 6.02 -4.85 24.80
C THR A 77 4.58 -5.31 24.52
N LEU A 78 3.88 -4.60 23.64
CA LEU A 78 2.55 -5.04 23.24
C LEU A 78 2.61 -6.31 22.40
N ALA A 79 3.64 -6.42 21.54
CA ALA A 79 3.79 -7.62 20.73
C ALA A 79 4.00 -8.85 21.61
N LYS A 80 4.83 -8.73 22.64
CA LYS A 80 5.04 -9.83 23.57
C LYS A 80 3.74 -10.24 24.26
N GLU A 81 2.89 -9.26 24.57
CA GLU A 81 1.62 -9.56 25.23
C GLU A 81 0.64 -10.21 24.27
N LEU A 82 0.63 -9.77 23.01
CA LEU A 82 -0.36 -10.22 22.04
C LEU A 82 0.10 -11.39 21.19
N TYR A 83 1.36 -11.83 21.32
CA TYR A 83 1.83 -12.95 20.55
C TYR A 83 1.01 -14.20 20.89
N PRO A 84 0.78 -15.09 19.92
CA PRO A 84 -0.14 -16.21 20.16
C PRO A 84 0.30 -17.09 21.32
N GLY A 85 -0.69 -17.62 22.04
CA GLY A 85 -0.46 -18.44 23.20
C GLY A 85 -0.96 -17.83 24.50
N ASN A 86 -1.15 -16.51 24.54
CA ASN A 86 -1.58 -15.84 25.76
C ASN A 86 -3.09 -15.79 25.92
N TYR A 87 -3.83 -15.64 24.82
CA TYR A 87 -5.28 -15.46 24.87
C TYR A 87 -5.97 -16.46 23.97
N LYS A 88 -7.22 -16.75 24.31
CA LYS A 88 -8.10 -17.65 23.58
C LYS A 88 -9.27 -16.90 22.97
N PRO A 89 -9.88 -17.42 21.92
CA PRO A 89 -11.09 -16.78 21.39
C PRO A 89 -12.26 -16.93 22.36
N ASN A 90 -13.17 -15.97 22.30
CA ASN A 90 -14.35 -15.98 23.14
C ASN A 90 -15.58 -16.34 22.30
N VAL A 91 -16.76 -16.22 22.93
CA VAL A 91 -17.99 -16.72 22.33
C VAL A 91 -18.32 -15.98 21.03
N THR A 92 -17.89 -14.71 20.92
CA THR A 92 -18.15 -13.96 19.70
C THR A 92 -17.35 -14.51 18.53
N HIS A 93 -16.11 -14.95 18.78
CA HIS A 93 -15.32 -15.56 17.72
C HIS A 93 -15.93 -16.88 17.27
N TYR A 94 -16.45 -17.66 18.22
CA TYR A 94 -17.00 -18.96 17.87
C TYR A 94 -18.38 -18.88 17.24
N PHE A 95 -19.12 -17.80 17.51
CA PHE A 95 -20.32 -17.54 16.73
C PHE A 95 -19.99 -17.33 15.26
N LEU A 96 -18.94 -16.54 14.99
CA LEU A 96 -18.47 -16.39 13.62
C LEU A 96 -17.90 -17.70 13.07
N ARG A 97 -17.33 -18.53 13.93
CA ARG A 97 -16.87 -19.86 13.51
C ARG A 97 -18.05 -20.73 13.12
N LEU A 98 -19.11 -20.73 13.93
CA LEU A 98 -20.31 -21.49 13.60
C LEU A 98 -20.94 -20.98 12.31
N LEU A 99 -20.89 -19.66 12.09
CA LEU A 99 -21.41 -19.09 10.85
C LEU A 99 -20.67 -19.62 9.64
N HIS A 100 -19.34 -19.80 9.76
CA HIS A 100 -18.58 -20.36 8.66
C HIS A 100 -18.87 -21.85 8.47
N ASP A 101 -18.98 -22.60 9.57
CA ASP A 101 -19.23 -24.03 9.47
C ASP A 101 -20.57 -24.33 8.80
N LYS A 102 -21.57 -23.47 9.01
CA LYS A 102 -22.86 -23.63 8.39
C LYS A 102 -22.92 -23.08 6.97
N GLY A 103 -21.78 -22.65 6.42
CA GLY A 103 -21.73 -22.22 5.04
C GLY A 103 -22.35 -20.86 4.76
N LEU A 104 -22.38 -19.98 5.75
CA LEU A 104 -23.02 -18.69 5.60
C LEU A 104 -22.04 -17.52 5.56
N LEU A 105 -20.76 -17.75 5.81
CA LEU A 105 -19.78 -16.68 5.92
C LEU A 105 -19.10 -16.48 4.57
N LEU A 106 -19.23 -15.27 4.00
CA LEU A 106 -18.50 -14.94 2.79
C LEU A 106 -17.06 -14.55 3.12
N ARG A 107 -16.87 -13.60 4.04
CA ARG A 107 -15.54 -13.18 4.44
C ARG A 107 -15.63 -12.47 5.78
N LEU A 108 -14.55 -12.58 6.56
CA LEU A 108 -14.45 -11.90 7.85
C LEU A 108 -13.34 -10.86 7.76
N TYR A 109 -13.71 -9.60 7.91
CA TYR A 109 -12.75 -8.49 7.92
C TYR A 109 -12.54 -8.04 9.36
N THR A 110 -11.29 -8.09 9.82
CA THR A 110 -10.96 -7.78 11.20
C THR A 110 -9.93 -6.65 11.26
N GLN A 111 -10.11 -5.76 12.22
CA GLN A 111 -9.10 -4.76 12.56
C GLN A 111 -8.15 -5.25 13.64
N ASN A 112 -8.43 -6.41 14.24
CA ASN A 112 -7.65 -6.88 15.37
C ASN A 112 -6.38 -7.57 14.92
N ILE A 113 -5.38 -7.56 15.79
CA ILE A 113 -4.08 -8.18 15.55
C ILE A 113 -3.79 -9.29 16.55
N ASP A 114 -4.80 -9.72 17.31
CA ASP A 114 -4.62 -10.80 18.27
C ASP A 114 -4.63 -12.18 17.62
N GLY A 115 -4.96 -12.26 16.34
CA GLY A 115 -4.99 -13.55 15.65
C GLY A 115 -6.00 -14.54 16.17
N LEU A 116 -6.99 -14.08 16.94
CA LEU A 116 -7.95 -15.00 17.53
C LEU A 116 -8.94 -15.58 16.52
N GLU A 117 -9.14 -14.90 15.39
CA GLU A 117 -10.02 -15.46 14.36
C GLU A 117 -9.47 -16.76 13.81
N ARG A 118 -8.16 -16.81 13.55
CA ARG A 118 -7.53 -18.03 13.07
C ARG A 118 -7.55 -19.11 14.15
N VAL A 119 -7.36 -18.72 15.41
CA VAL A 119 -7.36 -19.69 16.50
C VAL A 119 -8.74 -20.32 16.66
N SER A 120 -9.81 -19.56 16.38
CA SER A 120 -11.16 -20.09 16.50
C SER A 120 -11.48 -21.17 15.48
N GLY A 121 -10.66 -21.32 14.44
CA GLY A 121 -10.87 -22.35 13.44
C GLY A 121 -11.34 -21.85 12.10
N ILE A 122 -11.40 -20.54 11.88
CA ILE A 122 -11.82 -19.99 10.59
C ILE A 122 -10.63 -20.01 9.64
N PRO A 123 -10.76 -20.65 8.47
CA PRO A 123 -9.61 -20.75 7.56
C PRO A 123 -9.14 -19.37 7.11
N ALA A 124 -7.83 -19.31 6.81
CA ALA A 124 -7.24 -18.04 6.37
C ALA A 124 -7.89 -17.53 5.09
N SER A 125 -8.39 -18.43 4.25
CA SER A 125 -9.02 -18.01 3.00
C SER A 125 -10.29 -17.20 3.24
N LYS A 126 -10.97 -17.46 4.35
CA LYS A 126 -12.18 -16.72 4.71
C LYS A 126 -11.89 -15.44 5.50
N LEU A 127 -10.62 -15.15 5.78
CA LEU A 127 -10.26 -14.08 6.69
C LEU A 127 -9.47 -12.99 5.95
N VAL A 128 -9.73 -11.74 6.35
CA VAL A 128 -8.97 -10.59 5.88
C VAL A 128 -8.48 -9.85 7.11
N GLU A 129 -7.22 -10.08 7.49
CA GLU A 129 -6.60 -9.39 8.62
C GLU A 129 -6.15 -8.02 8.14
N ALA A 130 -7.11 -7.08 8.16
CA ALA A 130 -6.94 -5.79 7.49
C ALA A 130 -5.89 -4.90 8.16
N HIS A 131 -5.58 -5.12 9.44
CA HIS A 131 -4.59 -4.31 10.14
C HIS A 131 -3.32 -5.08 10.45
N GLY A 132 -3.09 -6.19 9.78
CA GLY A 132 -1.83 -6.91 9.88
C GLY A 132 -1.92 -8.13 10.77
N THR A 133 -0.75 -8.72 10.99
CA THR A 133 -0.65 -9.96 11.75
C THR A 133 0.75 -10.10 12.30
N PHE A 134 0.86 -10.83 13.40
CA PHE A 134 2.15 -11.21 13.97
C PHE A 134 2.70 -12.50 13.37
N ALA A 135 2.00 -13.09 12.40
CA ALA A 135 2.46 -14.32 11.78
C ALA A 135 3.66 -14.11 10.87
N SER A 136 3.98 -12.87 10.53
CA SER A 136 5.13 -12.59 9.68
CA SER A 136 5.13 -12.59 9.68
C SER A 136 5.71 -11.24 10.07
N ALA A 137 6.96 -11.02 9.67
CA ALA A 137 7.67 -9.78 9.97
C ALA A 137 8.52 -9.40 8.77
N THR A 138 8.99 -8.14 8.78
CA THR A 138 9.77 -7.59 7.70
C THR A 138 10.85 -6.69 8.28
N CYS A 139 12.07 -6.82 7.76
CA CYS A 139 13.14 -5.92 8.14
C CYS A 139 12.88 -4.53 7.59
N THR A 140 12.96 -3.53 8.46
CA THR A 140 12.65 -2.16 8.07
C THR A 140 13.70 -1.56 7.13
N VAL A 141 14.84 -2.21 6.94
CA VAL A 141 15.92 -1.67 6.14
C VAL A 141 15.98 -2.35 4.78
N CYS A 142 16.15 -3.67 4.77
CA CYS A 142 16.38 -4.41 3.55
C CYS A 142 15.16 -5.17 3.04
N GLN A 143 14.02 -5.05 3.72
CA GLN A 143 12.75 -5.65 3.31
C GLN A 143 12.77 -7.17 3.33
N ARG A 144 13.72 -7.78 4.01
CA ARG A 144 13.78 -9.24 4.07
C ARG A 144 12.62 -9.75 4.92
N PRO A 145 11.84 -10.70 4.41
CA PRO A 145 10.71 -11.23 5.19
C PRO A 145 11.13 -12.32 6.16
N PHE A 146 10.37 -12.43 7.25
CA PHE A 146 10.64 -13.41 8.30
C PHE A 146 9.32 -13.98 8.80
N PRO A 147 9.28 -15.29 9.07
CA PRO A 147 8.15 -15.84 9.83
C PRO A 147 8.14 -15.27 11.24
N GLY A 148 6.94 -15.12 11.79
CA GLY A 148 6.81 -14.57 13.14
C GLY A 148 7.54 -15.39 14.18
N GLU A 149 7.77 -16.68 13.91
CA GLU A 149 8.45 -17.54 14.86
C GLU A 149 9.92 -17.20 14.97
N ASP A 150 10.51 -16.62 13.92
CA ASP A 150 11.95 -16.36 13.91
C ASP A 150 12.35 -15.22 14.84
N ILE A 151 11.41 -14.38 15.27
CA ILE A 151 11.69 -13.29 16.20
C ILE A 151 11.03 -13.53 17.55
N ARG A 152 10.40 -14.69 17.75
CA ARG A 152 9.67 -14.93 18.99
C ARG A 152 10.60 -14.96 20.20
N ALA A 153 11.78 -15.57 20.05
CA ALA A 153 12.72 -15.67 21.17
C ALA A 153 13.17 -14.28 21.63
N ASP A 154 13.52 -13.41 20.68
CA ASP A 154 13.91 -12.04 21.04
C ASP A 154 12.75 -11.29 21.68
N VAL A 155 11.55 -11.43 21.11
CA VAL A 155 10.39 -10.71 21.65
C VAL A 155 10.08 -11.17 23.07
N MET A 156 10.11 -12.48 23.31
CA MET A 156 9.83 -13.00 24.64
C MET A 156 10.91 -12.63 25.65
N ALA A 157 12.13 -12.36 25.19
CA ALA A 157 13.22 -11.96 26.08
C ALA A 157 13.38 -10.44 26.15
N ASP A 158 12.39 -9.69 25.68
CA ASP A 158 12.40 -8.22 25.73
C ASP A 158 13.57 -7.65 24.94
N ARG A 159 14.01 -8.35 23.90
CA ARG A 159 15.05 -7.87 23.01
C ARG A 159 14.43 -7.44 21.68
N VAL A 160 14.78 -6.25 21.22
CA VAL A 160 14.30 -5.76 19.93
C VAL A 160 14.92 -6.62 18.84
N PRO A 161 14.12 -7.34 18.07
CA PRO A 161 14.68 -8.26 17.07
C PRO A 161 15.40 -7.51 15.96
N ARG A 162 16.58 -8.02 15.59
CA ARG A 162 17.42 -7.40 14.57
C ARG A 162 17.57 -8.33 13.38
N CYS A 163 17.82 -7.74 12.22
CA CYS A 163 17.98 -8.52 11.00
C CYS A 163 19.34 -9.22 11.02
N PRO A 164 19.39 -10.52 10.75
CA PRO A 164 20.69 -11.21 10.71
C PRO A 164 21.57 -10.75 9.57
N VAL A 165 21.03 -10.06 8.58
CA VAL A 165 21.78 -9.66 7.39
C VAL A 165 22.32 -8.24 7.52
N CYS A 166 21.43 -7.27 7.79
CA CYS A 166 21.83 -5.87 7.85
C CYS A 166 21.70 -5.24 9.23
N THR A 167 21.31 -6.01 10.24
CA THR A 167 21.12 -5.57 11.62
C THR A 167 20.01 -4.52 11.77
N GLY A 168 19.16 -4.37 10.77
CA GLY A 168 18.04 -3.48 10.89
C GLY A 168 16.96 -4.04 11.82
N VAL A 169 16.14 -3.13 12.33
CA VAL A 169 15.03 -3.56 13.19
C VAL A 169 14.04 -4.36 12.37
N VAL A 170 13.65 -5.53 12.87
CA VAL A 170 12.66 -6.38 12.23
C VAL A 170 11.30 -6.09 12.86
N LYS A 171 10.37 -5.61 12.04
CA LYS A 171 9.07 -5.19 12.53
C LYS A 171 8.01 -6.19 12.10
N PRO A 172 7.17 -6.66 13.03
CA PRO A 172 6.05 -7.53 12.63
C PRO A 172 5.16 -6.83 11.63
N ASP A 173 4.51 -7.62 10.77
CA ASP A 173 3.69 -7.06 9.71
C ASP A 173 2.38 -6.51 10.25
N ILE A 174 2.45 -5.64 11.25
CA ILE A 174 1.30 -4.91 11.76
C ILE A 174 1.21 -3.60 11.00
N VAL A 175 0.00 -3.25 10.57
CA VAL A 175 -0.20 -2.03 9.80
C VAL A 175 -0.19 -0.85 10.77
N PHE A 176 0.80 0.01 10.63
CA PHE A 176 0.86 1.25 11.39
C PHE A 176 0.10 2.35 10.67
N PHE A 177 -0.22 3.41 11.40
CA PHE A 177 -0.87 4.57 10.79
C PHE A 177 0.04 5.16 9.72
N GLY A 178 -0.57 5.58 8.61
CA GLY A 178 0.17 6.04 7.45
C GLY A 178 0.55 4.97 6.47
N GLU A 179 0.45 3.69 6.85
CA GLU A 179 0.76 2.60 5.94
C GLU A 179 -0.51 2.11 5.24
N PRO A 180 -0.41 1.75 3.97
CA PRO A 180 -1.56 1.13 3.30
C PRO A 180 -1.84 -0.27 3.86
N LEU A 181 -3.10 -0.65 3.80
CA LEU A 181 -3.51 -1.96 4.31
C LEU A 181 -2.93 -3.07 3.44
N PRO A 182 -2.87 -4.29 3.96
CA PRO A 182 -2.34 -5.40 3.16
C PRO A 182 -3.11 -5.58 1.86
N GLN A 183 -2.44 -6.19 0.87
CA GLN A 183 -3.03 -6.37 -0.44
C GLN A 183 -4.30 -7.22 -0.38
N ARG A 184 -4.45 -8.05 0.65
CA ARG A 184 -5.65 -8.86 0.78
C ARG A 184 -6.88 -8.03 1.10
N PHE A 185 -6.71 -6.78 1.56
CA PHE A 185 -7.85 -5.91 1.80
C PHE A 185 -8.59 -5.61 0.51
N LEU A 186 -7.92 -5.70 -0.65
CA LEU A 186 -8.57 -5.43 -1.92
C LEU A 186 -9.65 -6.43 -2.28
N LEU A 187 -9.82 -7.51 -1.50
CA LEU A 187 -10.92 -8.43 -1.72
C LEU A 187 -12.28 -7.80 -1.48
N HIS A 188 -12.32 -6.59 -0.91
CA HIS A 188 -13.60 -5.94 -0.63
C HIS A 188 -14.30 -5.51 -1.91
N VAL A 189 -13.55 -5.25 -2.99
CA VAL A 189 -14.16 -4.87 -4.25
C VAL A 189 -14.97 -6.00 -4.84
N VAL A 190 -14.72 -7.24 -4.42
CA VAL A 190 -15.46 -8.41 -4.87
C VAL A 190 -16.44 -8.90 -3.81
N ASP A 191 -16.05 -8.86 -2.54
CA ASP A 191 -16.88 -9.42 -1.48
C ASP A 191 -18.11 -8.57 -1.23
N PHE A 192 -17.93 -7.26 -1.08
CA PHE A 192 -19.00 -6.38 -0.63
C PHE A 192 -20.12 -6.20 -1.66
N PRO A 193 -19.83 -6.14 -2.96
CA PRO A 193 -20.93 -6.23 -3.94
C PRO A 193 -21.68 -7.54 -3.88
N MET A 194 -21.07 -8.60 -3.34
CA MET A 194 -21.69 -9.91 -3.28
C MET A 194 -22.43 -10.17 -1.98
N ALA A 195 -22.16 -9.40 -0.94
CA ALA A 195 -22.75 -9.66 0.38
C ALA A 195 -24.24 -9.39 0.37
N ASP A 196 -24.98 -10.23 1.10
CA ASP A 196 -26.40 -10.04 1.33
C ASP A 196 -26.71 -9.66 2.77
N LEU A 197 -25.70 -9.57 3.63
CA LEU A 197 -25.87 -9.17 5.02
C LEU A 197 -24.53 -8.71 5.56
N LEU A 198 -24.54 -7.58 6.27
CA LEU A 198 -23.33 -7.00 6.85
C LEU A 198 -23.46 -7.00 8.36
N LEU A 199 -22.55 -7.70 9.04
CA LEU A 199 -22.49 -7.73 10.49
C LEU A 199 -21.30 -6.90 10.96
N ILE A 200 -21.55 -5.99 11.90
CA ILE A 200 -20.52 -5.12 12.46
C ILE A 200 -20.52 -5.34 13.96
N LEU A 201 -19.43 -5.90 14.48
CA LEU A 201 -19.35 -6.32 15.88
C LEU A 201 -18.17 -5.65 16.57
N GLY A 202 -18.46 -4.97 17.68
CA GLY A 202 -17.42 -4.47 18.57
C GLY A 202 -16.39 -3.55 17.97
N THR A 203 -16.84 -2.50 17.29
CA THR A 203 -15.92 -1.51 16.73
C THR A 203 -16.62 -0.16 16.65
N SER A 204 -15.83 0.91 16.84
CA SER A 204 -16.33 2.26 16.75
C SER A 204 -16.11 2.89 15.38
N LEU A 205 -15.43 2.20 14.47
CA LEU A 205 -15.23 2.66 13.09
C LEU A 205 -14.55 4.03 13.05
N GLU A 206 -13.47 4.15 13.83
CA GLU A 206 -12.68 5.38 13.88
C GLU A 206 -11.47 5.35 12.97
N VAL A 207 -11.25 4.25 12.25
CA VAL A 207 -10.04 4.06 11.45
C VAL A 207 -10.44 3.77 10.01
N GLU A 208 -9.87 4.52 9.08
CA GLU A 208 -10.05 4.36 7.64
C GLU A 208 -8.83 3.66 7.05
N PRO A 209 -8.97 3.00 5.89
CA PRO A 209 -10.17 2.88 5.06
C PRO A 209 -11.11 1.76 5.47
N PHE A 210 -10.86 1.15 6.64
CA PHE A 210 -11.69 0.04 7.10
C PHE A 210 -13.11 0.51 7.39
N ALA A 211 -13.26 1.70 7.98
CA ALA A 211 -14.57 2.15 8.43
C ALA A 211 -15.54 2.36 7.27
N SER A 212 -15.03 2.84 6.14
CA SER A 212 -15.88 3.16 5.00
C SER A 212 -16.35 1.93 4.24
N LEU A 213 -15.96 0.73 4.66
CA LEU A 213 -16.47 -0.48 4.02
C LEU A 213 -17.95 -0.70 4.29
N THR A 214 -18.47 -0.11 5.37
CA THR A 214 -19.89 -0.30 5.71
C THR A 214 -20.82 0.25 4.63
N GLU A 215 -20.36 1.25 3.88
CA GLU A 215 -21.16 1.83 2.80
C GLU A 215 -20.86 1.19 1.44
N ALA A 216 -20.07 0.13 1.42
CA ALA A 216 -19.75 -0.57 0.18
C ALA A 216 -20.73 -1.69 -0.16
N VAL A 217 -21.59 -2.07 0.78
CA VAL A 217 -22.65 -3.04 0.48
C VAL A 217 -23.78 -2.34 -0.27
N ARG A 218 -24.54 -3.13 -1.03
CA ARG A 218 -25.57 -2.56 -1.87
C ARG A 218 -26.75 -2.09 -1.02
N SER A 219 -27.61 -1.27 -1.64
CA SER A 219 -28.59 -0.49 -0.89
C SER A 219 -29.62 -1.36 -0.19
N SER A 220 -29.92 -2.53 -0.73
CA SER A 220 -30.94 -3.40 -0.14
C SER A 220 -30.38 -4.32 0.95
N VAL A 221 -29.07 -4.30 1.18
CA VAL A 221 -28.43 -5.22 2.12
C VAL A 221 -28.54 -4.69 3.54
N PRO A 222 -29.11 -5.46 4.46
CA PRO A 222 -29.20 -5.00 5.85
C PRO A 222 -27.84 -4.98 6.52
N ARG A 223 -27.67 -4.03 7.45
CA ARG A 223 -26.42 -3.85 8.19
C ARG A 223 -26.73 -3.96 9.67
N LEU A 224 -26.34 -5.09 10.28
CA LEU A 224 -26.58 -5.33 11.69
C LEU A 224 -25.35 -4.89 12.49
N LEU A 225 -25.55 -3.99 13.45
CA LEU A 225 -24.49 -3.46 14.29
C LEU A 225 -24.72 -3.93 15.72
N ILE A 226 -23.75 -4.66 16.27
CA ILE A 226 -23.78 -5.08 17.66
C ILE A 226 -22.61 -4.37 18.34
N ASN A 227 -22.92 -3.28 19.04
CA ASN A 227 -21.90 -2.44 19.65
C ASN A 227 -22.55 -1.61 20.74
N ARG A 228 -21.73 -1.06 21.63
CA ARG A 228 -22.28 -0.27 22.73
C ARG A 228 -22.84 1.07 22.26
N ASP A 229 -22.41 1.56 21.10
CA ASP A 229 -22.87 2.83 20.58
C ASP A 229 -23.18 2.68 19.09
N LEU A 230 -23.98 3.62 18.58
CA LEU A 230 -24.14 3.79 17.14
C LEU A 230 -23.02 4.71 16.65
N VAL A 231 -22.18 4.19 15.76
CA VAL A 231 -20.92 4.84 15.42
C VAL A 231 -20.71 4.84 13.91
N GLY A 232 -19.76 5.66 13.47
CA GLY A 232 -19.33 5.69 12.09
C GLY A 232 -20.42 6.08 11.13
N PRO A 233 -20.23 5.75 9.85
CA PRO A 233 -21.20 6.15 8.81
C PRO A 233 -22.58 5.53 8.99
N LEU A 234 -22.75 4.67 10.01
CA LEU A 234 -24.09 4.20 10.36
C LEU A 234 -24.91 5.24 11.11
N ALA A 235 -24.27 6.30 11.60
CA ALA A 235 -24.96 7.37 12.32
C ALA A 235 -25.28 8.57 11.46
N TRP A 236 -24.39 8.95 10.54
CA TRP A 236 -24.64 10.07 9.65
C TRP A 236 -25.32 9.65 8.36
N HIS A 237 -25.11 8.41 7.92
CA HIS A 237 -25.74 7.88 6.71
C HIS A 237 -26.42 6.55 7.03
N PRO A 238 -27.49 6.57 7.81
CA PRO A 238 -28.21 5.34 8.09
C PRO A 238 -29.06 4.92 6.90
N ARG A 239 -29.36 3.63 6.84
CA ARG A 239 -30.14 3.07 5.75
C ARG A 239 -31.41 2.42 6.31
N SER A 240 -32.33 2.11 5.39
CA SER A 240 -33.66 1.66 5.79
C SER A 240 -33.61 0.30 6.50
N ARG A 241 -32.63 -0.53 6.16
CA ARG A 241 -32.52 -1.87 6.74
C ARG A 241 -31.36 -1.98 7.74
N ASP A 242 -30.99 -0.86 8.36
CA ASP A 242 -29.96 -0.87 9.39
C ASP A 242 -30.56 -1.31 10.72
N VAL A 243 -29.91 -2.27 11.37
CA VAL A 243 -30.34 -2.77 12.67
C VAL A 243 -29.20 -2.53 13.66
N ALA A 244 -29.51 -1.89 14.78
CA ALA A 244 -28.53 -1.53 15.79
C ALA A 244 -28.93 -2.17 17.12
N GLN A 245 -28.19 -3.20 17.52
CA GLN A 245 -28.37 -3.86 18.82
C GLN A 245 -27.36 -3.25 19.78
N LEU A 246 -27.76 -2.17 20.44
CA LEU A 246 -26.85 -1.42 21.29
C LEU A 246 -26.74 -2.08 22.67
N GLY A 247 -25.52 -2.21 23.16
CA GLY A 247 -25.27 -2.79 24.45
C GLY A 247 -23.97 -3.58 24.43
N ASP A 248 -23.83 -4.46 25.42
CA ASP A 248 -22.66 -5.33 25.49
C ASP A 248 -22.60 -6.23 24.26
N VAL A 249 -21.40 -6.37 23.70
CA VAL A 249 -21.23 -7.14 22.46
C VAL A 249 -21.57 -8.61 22.70
N VAL A 250 -21.06 -9.17 23.80
CA VAL A 250 -21.31 -10.59 24.08
C VAL A 250 -22.80 -10.82 24.31
N HIS A 251 -23.45 -9.93 25.08
CA HIS A 251 -24.89 -10.06 25.29
C HIS A 251 -25.65 -9.96 23.97
N GLY A 252 -25.23 -9.04 23.10
CA GLY A 252 -25.88 -8.93 21.80
C GLY A 252 -25.68 -10.16 20.94
N VAL A 253 -24.51 -10.81 21.06
CA VAL A 253 -24.25 -12.00 20.27
C VAL A 253 -25.04 -13.19 20.79
N GLU A 254 -24.99 -13.43 22.11
CA GLU A 254 -25.74 -14.54 22.68
C GLU A 254 -27.26 -14.33 22.58
N SER A 255 -27.71 -13.09 22.45
CA SER A 255 -29.11 -12.85 22.13
C SER A 255 -29.42 -13.29 20.70
N LEU A 256 -28.55 -12.94 19.76
CA LEU A 256 -28.75 -13.34 18.37
C LEU A 256 -28.63 -14.86 18.22
N VAL A 257 -27.66 -15.47 18.92
CA VAL A 257 -27.50 -16.92 18.85
C VAL A 257 -28.75 -17.63 19.36
N GLU A 258 -29.35 -17.10 20.43
CA GLU A 258 -30.57 -17.68 20.97
C GLU A 258 -31.73 -17.53 19.99
N LEU A 259 -31.87 -16.33 19.39
CA LEU A 259 -32.91 -16.12 18.39
C LEU A 259 -32.72 -17.01 17.17
N LEU A 260 -31.48 -17.45 16.89
CA LEU A 260 -31.21 -18.36 15.80
C LEU A 260 -31.42 -19.82 16.17
N GLY A 261 -31.48 -20.14 17.46
CA GLY A 261 -31.58 -21.52 17.88
C GLY A 261 -30.29 -22.28 17.89
N TRP A 262 -29.15 -21.59 18.00
CA TRP A 262 -27.83 -22.21 17.95
C TRP A 262 -27.16 -22.29 19.32
N THR A 263 -27.87 -21.94 20.39
CA THR A 263 -27.23 -21.80 21.70
C THR A 263 -26.58 -23.10 22.15
N GLU A 264 -27.31 -24.21 22.06
CA GLU A 264 -26.76 -25.48 22.50
C GLU A 264 -25.64 -25.96 21.60
N GLU A 265 -25.78 -25.77 20.28
CA GLU A 265 -24.73 -26.16 19.36
C GLU A 265 -23.48 -25.30 19.55
N MET A 266 -23.67 -24.02 19.89
CA MET A 266 -22.53 -23.12 20.06
C MET A 266 -21.72 -23.50 21.30
N ARG A 267 -22.39 -23.82 22.41
CA ARG A 267 -21.68 -24.16 23.63
C ARG A 267 -20.87 -25.45 23.47
N ASP A 268 -21.44 -26.44 22.78
CA ASP A 268 -20.71 -27.68 22.54
C ASP A 268 -19.48 -27.44 21.67
N LEU A 269 -19.59 -26.50 20.72
CA LEU A 269 -18.44 -26.13 19.92
C LEU A 269 -17.36 -25.47 20.77
N VAL A 270 -17.76 -24.58 21.67
CA VAL A 270 -16.80 -23.81 22.45
C VAL A 270 -15.99 -24.72 23.36
N GLN A 271 -16.68 -25.60 24.10
CA GLN A 271 -16.01 -26.44 25.08
C GLN A 271 -14.99 -27.37 24.42
N ARG A 272 -15.32 -27.88 23.22
CA ARG A 272 -14.39 -28.74 22.51
C ARG A 272 -13.25 -27.95 21.86
N GLU A 273 -13.52 -26.71 21.45
CA GLU A 273 -12.47 -25.88 20.88
C GLU A 273 -11.57 -25.29 21.97
N THR A 274 -12.16 -24.85 23.08
CA THR A 274 -11.37 -24.31 24.18
C THR A 274 -10.47 -25.38 24.79
N GLY A 275 -11.00 -26.58 25.02
CA GLY A 275 -10.22 -27.63 25.63
C GLY A 275 -9.06 -28.11 24.77
N LYS A 276 -9.24 -28.08 23.45
CA LYS A 276 -8.16 -28.49 22.55
C LYS A 276 -7.00 -27.50 22.54
N LEU A 277 -7.22 -26.27 22.99
CA LEU A 277 -6.18 -25.27 23.08
C LEU A 277 -5.36 -25.37 24.36
N ASP A 278 -5.48 -26.47 25.09
CA ASP A 278 -4.74 -26.67 26.33
C ASP A 278 -3.57 -27.63 26.13
N GLY B 4 10.01 -15.11 -37.18
CA GLY B 4 10.39 -13.83 -37.75
C GLY B 4 10.39 -12.70 -36.74
N LYS B 5 11.57 -12.21 -36.40
CA LYS B 5 11.69 -11.13 -35.43
C LYS B 5 11.45 -9.78 -36.08
N LEU B 6 10.96 -8.84 -35.28
CA LEU B 6 10.64 -7.50 -35.75
C LEU B 6 11.88 -6.60 -35.70
N SER B 7 11.77 -5.45 -36.36
CA SER B 7 12.81 -4.43 -36.37
C SER B 7 12.25 -3.13 -35.79
N LEU B 8 13.11 -2.12 -35.70
CA LEU B 8 12.66 -0.82 -35.19
C LEU B 8 11.70 -0.16 -36.18
N GLN B 9 11.97 -0.31 -37.48
CA GLN B 9 11.06 0.23 -38.49
C GLN B 9 9.77 -0.57 -38.55
N ASP B 10 9.82 -1.87 -38.25
CA ASP B 10 8.59 -2.65 -38.14
C ASP B 10 7.69 -2.10 -37.05
N VAL B 11 8.26 -1.76 -35.91
CA VAL B 11 7.47 -1.14 -34.84
C VAL B 11 7.01 0.25 -35.27
N ALA B 12 7.86 0.97 -36.00
CA ALA B 12 7.48 2.31 -36.47
C ALA B 12 6.39 2.22 -37.54
N GLU B 13 6.45 1.21 -38.39
CA GLU B 13 5.40 1.03 -39.40
C GLU B 13 4.04 0.80 -38.76
N LEU B 14 4.00 0.00 -37.69
CA LEU B 14 2.73 -0.27 -37.02
C LEU B 14 2.15 1.00 -36.41
N ILE B 15 3.00 1.87 -35.86
CA ILE B 15 2.53 3.11 -35.28
C ILE B 15 2.04 4.06 -36.37
N ARG B 16 2.80 4.17 -37.46
CA ARG B 16 2.42 5.07 -38.54
C ARG B 16 1.15 4.60 -39.23
N ALA B 17 1.00 3.29 -39.41
CA ALA B 17 -0.23 2.72 -39.94
C ALA B 17 -1.31 2.58 -38.88
N ARG B 18 -1.06 3.04 -37.65
CA ARG B 18 -2.01 2.98 -36.54
C ARG B 18 -2.45 1.55 -36.25
N ALA B 19 -1.57 0.57 -36.49
CA ALA B 19 -1.81 -0.78 -36.01
C ALA B 19 -1.60 -0.90 -34.52
N CYS B 20 -0.84 0.01 -33.92
CA CYS B 20 -0.61 0.07 -32.48
C CYS B 20 -1.04 1.45 -31.99
N GLN B 21 -2.26 1.55 -31.47
CA GLN B 21 -2.79 2.79 -30.93
C GLN B 21 -3.05 2.71 -29.44
N ARG B 22 -2.53 1.67 -28.77
CA ARG B 22 -2.64 1.51 -27.32
C ARG B 22 -1.24 1.21 -26.77
N VAL B 23 -0.38 2.22 -26.80
CA VAL B 23 1.01 2.07 -26.39
C VAL B 23 1.10 2.29 -24.88
N VAL B 24 1.80 1.38 -24.20
CA VAL B 24 2.12 1.51 -22.78
C VAL B 24 3.63 1.67 -22.66
N VAL B 25 4.05 2.69 -21.92
CA VAL B 25 5.45 3.05 -21.83
C VAL B 25 5.93 2.88 -20.40
N MET B 26 7.13 2.31 -20.25
CA MET B 26 7.83 2.22 -18.96
C MET B 26 9.18 2.91 -19.11
N VAL B 27 9.44 3.89 -18.24
CA VAL B 27 10.67 4.66 -18.31
C VAL B 27 11.38 4.63 -16.97
N GLY B 28 12.70 4.86 -17.02
CA GLY B 28 13.51 4.93 -15.82
C GLY B 28 14.45 6.11 -15.84
N ALA B 29 15.46 6.11 -14.96
CA ALA B 29 16.34 7.26 -14.83
C ALA B 29 17.16 7.53 -16.08
N GLY B 30 17.26 6.55 -16.98
CA GLY B 30 18.03 6.72 -18.21
C GLY B 30 17.47 7.78 -19.14
N ILE B 31 16.16 8.04 -19.07
CA ILE B 31 15.56 9.04 -19.94
C ILE B 31 15.76 10.47 -19.44
N SER B 32 16.19 10.65 -18.19
CA SER B 32 16.34 11.97 -17.60
C SER B 32 17.79 12.40 -17.41
N THR B 33 18.75 11.48 -17.53
CA THR B 33 20.15 11.88 -17.49
C THR B 33 20.52 12.88 -18.59
N PRO B 34 19.94 12.84 -19.80
CA PRO B 34 20.22 13.92 -20.76
C PRO B 34 19.77 15.29 -20.29
N SER B 35 18.79 15.37 -19.39
CA SER B 35 18.36 16.65 -18.84
C SER B 35 19.34 17.21 -17.81
N GLY B 36 20.38 16.45 -17.46
CA GLY B 36 21.33 16.89 -16.46
C GLY B 36 21.02 16.47 -15.05
N ILE B 37 20.06 15.56 -14.85
CA ILE B 37 19.72 15.06 -13.52
C ILE B 37 20.95 14.36 -12.94
N PRO B 38 21.45 14.81 -11.78
CA PRO B 38 22.67 14.21 -11.24
C PRO B 38 22.40 12.89 -10.55
N ASP B 39 23.31 11.94 -10.75
CA ASP B 39 23.25 10.66 -10.05
C ASP B 39 23.72 10.87 -8.62
N PHE B 40 22.84 10.61 -7.65
CA PHE B 40 23.19 10.79 -6.25
C PHE B 40 24.26 9.81 -5.78
N ARG B 41 24.61 8.81 -6.59
CA ARG B 41 25.67 7.87 -6.29
C ARG B 41 27.00 8.27 -6.94
N SER B 42 26.98 8.72 -8.18
CA SER B 42 28.21 9.04 -8.88
C SER B 42 28.82 10.34 -8.34
N PRO B 43 30.09 10.36 -8.00
CA PRO B 43 30.73 11.61 -7.60
C PRO B 43 30.93 12.55 -8.79
N GLY B 44 31.03 13.83 -8.48
CA GLY B 44 31.25 14.84 -9.50
C GLY B 44 30.30 16.01 -9.43
N SER B 45 29.00 15.74 -9.37
CA SER B 45 28.00 16.79 -9.34
C SER B 45 27.97 17.47 -7.98
N GLY B 46 27.29 18.62 -7.92
CA GLY B 46 27.15 19.33 -6.67
C GLY B 46 26.27 18.63 -5.67
N LEU B 47 25.30 17.85 -6.15
CA LEU B 47 24.46 17.06 -5.25
C LEU B 47 25.29 16.06 -4.46
N TYR B 48 26.23 15.39 -5.13
CA TYR B 48 27.11 14.46 -4.44
C TYR B 48 27.97 15.18 -3.40
N SER B 49 28.40 16.41 -3.71
CA SER B 49 29.22 17.17 -2.77
C SER B 49 28.41 17.59 -1.54
N ASN B 50 27.13 17.93 -1.73
CA ASN B 50 26.30 18.30 -0.59
C ASN B 50 25.87 17.09 0.23
N LEU B 51 26.00 15.89 -0.32
CA LEU B 51 25.60 14.67 0.39
C LEU B 51 26.73 14.06 1.20
N GLN B 52 27.99 14.26 0.77
CA GLN B 52 29.12 13.67 1.48
C GLN B 52 29.40 14.34 2.81
N GLN B 53 28.75 15.47 3.12
CA GLN B 53 28.87 16.08 4.43
C GLN B 53 28.15 15.29 5.51
N TYR B 54 27.30 14.34 5.13
CA TYR B 54 26.57 13.52 6.08
C TYR B 54 27.18 12.15 6.31
N ASP B 55 28.12 11.74 5.46
CA ASP B 55 28.82 10.46 5.59
C ASP B 55 27.83 9.30 5.65
N LEU B 56 27.03 9.19 4.59
CA LEU B 56 26.00 8.18 4.54
C LEU B 56 26.64 6.79 4.57
N PRO B 57 26.01 5.81 5.23
CA PRO B 57 26.56 4.44 5.17
C PRO B 57 26.52 3.87 3.77
N TYR B 58 25.49 4.21 3.00
CA TYR B 58 25.38 3.85 1.60
C TYR B 58 24.39 4.80 0.94
N PRO B 59 24.55 5.10 -0.34
CA PRO B 59 23.70 6.15 -0.95
C PRO B 59 22.21 5.84 -0.89
N GLU B 60 21.82 4.56 -0.97
CA GLU B 60 20.40 4.22 -0.98
C GLU B 60 19.72 4.40 0.37
N ALA B 61 20.47 4.69 1.43
CA ALA B 61 19.84 5.02 2.71
C ALA B 61 19.02 6.29 2.62
N ILE B 62 19.22 7.09 1.57
CA ILE B 62 18.42 8.29 1.37
C ILE B 62 16.97 7.96 1.06
N PHE B 63 16.70 6.73 0.61
CA PHE B 63 15.34 6.27 0.35
C PHE B 63 14.90 5.16 1.30
N GLU B 64 15.47 5.13 2.51
CA GLU B 64 15.12 4.15 3.53
C GLU B 64 14.52 4.88 4.72
N LEU B 65 13.39 4.37 5.21
CA LEU B 65 12.63 5.00 6.29
C LEU B 65 13.39 5.02 7.62
N PRO B 66 14.04 3.93 8.05
CA PRO B 66 14.79 4.00 9.32
C PRO B 66 15.85 5.10 9.33
N PHE B 67 16.61 5.25 8.26
CA PHE B 67 17.60 6.31 8.21
C PHE B 67 16.96 7.68 8.10
N PHE B 68 15.81 7.76 7.40
CA PHE B 68 15.14 9.04 7.23
C PHE B 68 14.75 9.65 8.57
N PHE B 69 14.13 8.85 9.44
CA PHE B 69 13.75 9.35 10.76
C PHE B 69 14.96 9.53 11.68
N HIS B 70 16.08 8.86 11.39
CA HIS B 70 17.31 9.13 12.12
C HIS B 70 17.89 10.49 11.73
N ASN B 71 17.94 10.77 10.43
CA ASN B 71 18.46 12.04 9.91
C ASN B 71 17.78 12.33 8.58
N PRO B 72 16.77 13.21 8.58
CA PRO B 72 16.06 13.51 7.32
C PRO B 72 16.79 14.49 6.42
N LYS B 73 17.86 15.13 6.90
CA LYS B 73 18.52 16.16 6.09
C LYS B 73 19.12 15.63 4.80
N PRO B 74 19.73 14.44 4.73
CA PRO B 74 20.21 13.95 3.43
C PRO B 74 19.10 13.83 2.38
N PHE B 75 17.91 13.38 2.77
CA PHE B 75 16.82 13.25 1.81
C PHE B 75 16.38 14.60 1.28
N PHE B 76 16.19 15.57 2.18
CA PHE B 76 15.74 16.89 1.77
C PHE B 76 16.82 17.67 1.02
N THR B 77 18.08 17.22 1.10
CA THR B 77 19.10 17.76 0.22
C THR B 77 18.83 17.38 -1.22
N LEU B 78 18.49 16.11 -1.46
CA LEU B 78 18.11 15.68 -2.80
C LEU B 78 16.78 16.28 -3.22
N ALA B 79 15.85 16.43 -2.27
CA ALA B 79 14.55 17.02 -2.59
C ALA B 79 14.71 18.47 -3.05
N LYS B 80 15.60 19.22 -2.40
CA LYS B 80 15.88 20.59 -2.82
C LYS B 80 16.42 20.64 -4.25
N GLU B 81 17.24 19.65 -4.61
CA GLU B 81 17.82 19.64 -5.95
C GLU B 81 16.81 19.22 -7.00
N LEU B 82 15.93 18.28 -6.67
CA LEU B 82 14.99 17.72 -7.62
C LEU B 82 13.61 18.38 -7.60
N TYR B 83 13.40 19.36 -6.72
CA TYR B 83 12.11 20.05 -6.69
C TYR B 83 11.86 20.73 -8.03
N PRO B 84 10.60 20.82 -8.47
CA PRO B 84 10.31 21.32 -9.81
C PRO B 84 10.84 22.74 -10.02
N GLY B 85 11.28 23.01 -11.25
CA GLY B 85 11.82 24.30 -11.62
C GLY B 85 13.32 24.31 -11.90
N ASN B 86 14.03 23.23 -11.56
CA ASN B 86 15.47 23.18 -11.76
C ASN B 86 15.89 22.43 -13.01
N TYR B 87 15.07 21.50 -13.48
CA TYR B 87 15.38 20.70 -14.66
C TYR B 87 14.21 20.70 -15.63
N LYS B 88 14.52 20.54 -16.91
CA LYS B 88 13.51 20.58 -17.96
C LYS B 88 13.47 19.26 -18.71
N PRO B 89 12.32 18.92 -19.32
CA PRO B 89 12.26 17.70 -20.13
C PRO B 89 13.19 17.77 -21.33
N ASN B 90 13.66 16.61 -21.76
CA ASN B 90 14.51 16.50 -22.93
C ASN B 90 13.74 15.84 -24.08
N VAL B 91 14.46 15.48 -25.13
CA VAL B 91 13.83 14.95 -26.35
C VAL B 91 13.01 13.71 -26.03
N THR B 92 13.50 12.86 -25.13
CA THR B 92 12.79 11.62 -24.81
C THR B 92 11.41 11.91 -24.21
N HIS B 93 11.33 12.89 -23.31
CA HIS B 93 10.03 13.23 -22.72
C HIS B 93 9.07 13.78 -23.77
N TYR B 94 9.58 14.63 -24.67
CA TYR B 94 8.73 15.25 -25.67
C TYR B 94 8.31 14.27 -26.76
N PHE B 95 9.12 13.23 -27.01
CA PHE B 95 8.66 12.16 -27.89
C PHE B 95 7.44 11.47 -27.32
N LEU B 96 7.43 11.24 -26.00
CA LEU B 96 6.26 10.68 -25.35
C LEU B 96 5.13 11.69 -25.25
N ARG B 97 5.46 12.98 -25.15
CA ARG B 97 4.44 14.02 -25.17
C ARG B 97 3.72 14.05 -26.52
N LEU B 98 4.49 14.02 -27.60
CA LEU B 98 3.89 13.95 -28.93
C LEU B 98 3.17 12.62 -29.15
N LEU B 99 3.65 11.56 -28.51
CA LEU B 99 2.96 10.27 -28.60
C LEU B 99 1.57 10.36 -28.01
N HIS B 100 1.40 11.14 -26.96
CA HIS B 100 0.07 11.35 -26.37
C HIS B 100 -0.77 12.30 -27.20
N ASP B 101 -0.16 13.36 -27.76
CA ASP B 101 -0.91 14.32 -28.55
C ASP B 101 -1.51 13.67 -29.79
N LYS B 102 -0.87 12.63 -30.32
CA LYS B 102 -1.45 11.90 -31.44
C LYS B 102 -2.62 11.03 -31.02
N GLY B 103 -2.73 10.70 -29.73
CA GLY B 103 -3.76 9.81 -29.26
C GLY B 103 -3.37 8.36 -29.18
N LEU B 104 -2.07 8.06 -29.04
CA LEU B 104 -1.57 6.70 -29.06
C LEU B 104 -1.05 6.23 -27.69
N LEU B 105 -1.02 7.12 -26.69
CA LEU B 105 -0.47 6.79 -25.39
C LEU B 105 -1.60 6.30 -24.48
N LEU B 106 -1.58 5.01 -24.14
CA LEU B 106 -2.53 4.49 -23.17
C LEU B 106 -2.14 4.93 -21.76
N ARG B 107 -0.90 4.65 -21.35
CA ARG B 107 -0.42 5.06 -20.04
C ARG B 107 1.10 5.10 -20.06
N LEU B 108 1.66 6.01 -19.27
CA LEU B 108 3.10 6.14 -19.10
C LEU B 108 3.44 5.82 -17.65
N TYR B 109 4.17 4.73 -17.44
CA TYR B 109 4.61 4.33 -16.11
C TYR B 109 6.08 4.76 -15.93
N THR B 110 6.35 5.52 -14.88
CA THR B 110 7.67 6.09 -14.66
C THR B 110 8.17 5.74 -13.26
N GLN B 111 9.46 5.42 -13.18
CA GLN B 111 10.16 5.25 -11.91
C GLN B 111 10.78 6.53 -11.41
N ASN B 112 10.81 7.57 -12.23
CA ASN B 112 11.53 8.80 -11.90
C ASN B 112 10.68 9.68 -10.99
N ILE B 113 11.38 10.49 -10.19
CA ILE B 113 10.75 11.44 -9.28
C ILE B 113 11.08 12.88 -9.65
N ASP B 114 11.66 13.10 -10.83
CA ASP B 114 11.97 14.44 -11.29
C ASP B 114 10.74 15.20 -11.78
N GLY B 115 9.61 14.52 -11.96
CA GLY B 115 8.40 15.17 -12.39
C GLY B 115 8.45 15.75 -13.79
N LEU B 116 9.38 15.28 -14.62
CA LEU B 116 9.53 15.85 -15.95
C LEU B 116 8.43 15.41 -16.91
N GLU B 117 7.79 14.26 -16.66
CA GLU B 117 6.66 13.86 -17.48
C GLU B 117 5.52 14.86 -17.39
N ARG B 118 5.25 15.36 -16.18
CA ARG B 118 4.23 16.39 -16.02
C ARG B 118 4.63 17.68 -16.71
N VAL B 119 5.90 18.08 -16.58
CA VAL B 119 6.36 19.34 -17.15
C VAL B 119 6.32 19.31 -18.67
N SER B 120 6.55 18.13 -19.27
CA SER B 120 6.53 18.02 -20.72
C SER B 120 5.15 18.21 -21.31
N GLY B 121 4.11 18.28 -20.49
CA GLY B 121 2.76 18.51 -20.97
C GLY B 121 1.86 17.29 -20.99
N ILE B 122 2.27 16.19 -20.37
CA ILE B 122 1.44 14.98 -20.33
C ILE B 122 0.49 15.09 -19.15
N PRO B 123 -0.82 14.94 -19.37
CA PRO B 123 -1.77 15.06 -18.26
C PRO B 123 -1.56 13.96 -17.23
N ALA B 124 -1.97 14.25 -15.99
CA ALA B 124 -1.77 13.31 -14.89
C ALA B 124 -2.59 12.04 -15.09
N SER B 125 -3.71 12.13 -15.82
CA SER B 125 -4.55 10.95 -16.03
C SER B 125 -3.84 9.90 -16.88
N LYS B 126 -2.89 10.31 -17.70
CA LYS B 126 -2.10 9.39 -18.50
C LYS B 126 -0.84 8.92 -17.79
N LEU B 127 -0.51 9.49 -16.64
CA LEU B 127 0.75 9.22 -15.95
C LEU B 127 0.51 8.35 -14.72
N VAL B 128 1.43 7.43 -14.48
CA VAL B 128 1.48 6.65 -13.25
C VAL B 128 2.88 6.85 -12.68
N GLU B 129 3.02 7.78 -11.75
CA GLU B 129 4.29 8.03 -11.07
C GLU B 129 4.47 6.96 -10.00
N ALA B 130 5.01 5.81 -10.44
CA ALA B 130 5.03 4.62 -9.61
C ALA B 130 5.95 4.73 -8.41
N HIS B 131 6.87 5.68 -8.40
CA HIS B 131 7.79 5.86 -7.28
C HIS B 131 7.57 7.18 -6.55
N GLY B 132 6.42 7.82 -6.76
CA GLY B 132 6.06 8.99 -6.00
C GLY B 132 6.31 10.28 -6.76
N THR B 133 6.08 11.39 -6.04
CA THR B 133 6.20 12.72 -6.62
C THR B 133 6.46 13.72 -5.51
N PHE B 134 7.10 14.84 -5.88
CA PHE B 134 7.30 15.96 -4.97
C PHE B 134 6.15 16.95 -4.99
N ALA B 135 5.10 16.69 -5.78
CA ALA B 135 3.97 17.60 -5.86
C ALA B 135 3.07 17.53 -4.63
N SER B 136 3.25 16.54 -3.77
CA SER B 136 2.45 16.44 -2.55
C SER B 136 3.32 15.84 -1.45
N ALA B 137 2.85 16.03 -0.21
CA ALA B 137 3.56 15.53 0.96
C ALA B 137 2.56 15.06 2.00
N THR B 138 3.06 14.33 2.99
CA THR B 138 2.23 13.75 4.02
C THR B 138 2.99 13.80 5.35
N CYS B 139 2.30 14.23 6.40
CA CYS B 139 2.90 14.21 7.73
C CYS B 139 3.11 12.77 8.18
N THR B 140 4.33 12.47 8.64
CA THR B 140 4.65 11.11 9.04
C THR B 140 3.93 10.67 10.30
N VAL B 141 3.35 11.61 11.05
CA VAL B 141 2.71 11.29 12.32
C VAL B 141 1.20 11.22 12.18
N CYS B 142 0.58 12.33 11.78
CA CYS B 142 -0.88 12.44 11.77
C CYS B 142 -1.49 12.21 10.40
N GLN B 143 -0.68 11.94 9.36
CA GLN B 143 -1.12 11.60 8.01
C GLN B 143 -1.82 12.75 7.29
N ARG B 144 -1.70 13.98 7.77
CA ARG B 144 -2.34 15.10 7.10
C ARG B 144 -1.64 15.39 5.78
N PRO B 145 -2.38 15.48 4.67
CA PRO B 145 -1.75 15.74 3.37
C PRO B 145 -1.50 17.22 3.13
N PHE B 146 -0.44 17.48 2.36
CA PHE B 146 -0.03 18.83 2.03
C PHE B 146 0.30 18.92 0.54
N PRO B 147 -0.01 20.04 -0.11
CA PRO B 147 0.55 20.30 -1.43
C PRO B 147 2.05 20.51 -1.31
N GLY B 148 2.78 20.07 -2.34
CA GLY B 148 4.24 20.17 -2.30
C GLY B 148 4.75 21.59 -2.16
N GLU B 149 3.95 22.56 -2.60
CA GLU B 149 4.36 23.96 -2.50
C GLU B 149 4.32 24.47 -1.07
N ASP B 150 3.51 23.85 -0.20
CA ASP B 150 3.38 24.33 1.18
C ASP B 150 4.66 24.12 1.98
N ILE B 151 5.55 23.23 1.53
CA ILE B 151 6.81 22.98 2.21
C ILE B 151 8.00 23.43 1.38
N ARG B 152 7.76 24.07 0.24
CA ARG B 152 8.86 24.47 -0.63
C ARG B 152 9.77 25.48 0.04
N ALA B 153 9.21 26.38 0.84
CA ALA B 153 10.01 27.41 1.49
C ALA B 153 11.00 26.78 2.47
N ASP B 154 10.53 25.86 3.31
CA ASP B 154 11.43 25.17 4.23
C ASP B 154 12.48 24.37 3.49
N VAL B 155 12.08 23.69 2.40
CA VAL B 155 13.01 22.86 1.65
C VAL B 155 14.11 23.69 1.02
N MET B 156 13.75 24.83 0.42
CA MET B 156 14.72 25.70 -0.21
C MET B 156 15.65 26.35 0.81
N ALA B 157 15.23 26.46 2.07
CA ALA B 157 16.04 27.04 3.12
C ALA B 157 16.75 26.00 3.97
N ASP B 158 16.79 24.74 3.52
CA ASP B 158 17.45 23.66 4.23
C ASP B 158 16.84 23.42 5.62
N ARG B 159 15.55 23.71 5.76
CA ARG B 159 14.82 23.44 6.99
C ARG B 159 13.94 22.21 6.81
N VAL B 160 13.99 21.31 7.77
CA VAL B 160 13.14 20.12 7.75
C VAL B 160 11.70 20.55 7.98
N PRO B 161 10.79 20.34 7.03
CA PRO B 161 9.42 20.81 7.20
C PRO B 161 8.70 20.07 8.32
N ARG B 162 7.94 20.83 9.10
CA ARG B 162 7.22 20.31 10.25
C ARG B 162 5.72 20.52 10.07
N CYS B 163 4.95 19.59 10.61
CA CYS B 163 3.49 19.67 10.49
C CYS B 163 2.95 20.78 11.39
N PRO B 164 2.13 21.68 10.86
CA PRO B 164 1.57 22.74 11.72
C PRO B 164 0.58 22.24 12.75
N VAL B 165 0.10 21.00 12.63
CA VAL B 165 -0.91 20.49 13.56
C VAL B 165 -0.27 19.69 14.69
N CYS B 166 0.71 18.84 14.39
CA CYS B 166 1.29 17.96 15.39
C CYS B 166 2.81 18.05 15.50
N THR B 167 3.45 18.90 14.71
CA THR B 167 4.90 19.11 14.68
C THR B 167 5.67 17.90 14.18
N GLY B 168 5.01 16.94 13.53
CA GLY B 168 5.72 15.82 12.96
C GLY B 168 6.44 16.21 11.68
N VAL B 169 7.41 15.37 11.30
CA VAL B 169 8.13 15.60 10.05
C VAL B 169 7.20 15.37 8.88
N VAL B 170 7.18 16.32 7.95
CA VAL B 170 6.37 16.23 6.74
C VAL B 170 7.25 15.68 5.63
N LYS B 171 6.89 14.52 5.09
CA LYS B 171 7.69 13.84 4.10
C LYS B 171 7.02 13.92 2.74
N PRO B 172 7.74 14.37 1.70
CA PRO B 172 7.18 14.34 0.35
C PRO B 172 6.75 12.93 -0.04
N ASP B 173 5.71 12.85 -0.87
CA ASP B 173 5.13 11.56 -1.22
C ASP B 173 6.03 10.78 -2.16
N ILE B 174 7.30 10.62 -1.80
CA ILE B 174 8.24 9.79 -2.53
C ILE B 174 8.22 8.39 -1.93
N VAL B 175 8.12 7.37 -2.79
CA VAL B 175 8.03 5.99 -2.33
C VAL B 175 9.41 5.53 -1.89
N PHE B 176 9.57 5.30 -0.59
CA PHE B 176 10.80 4.74 -0.07
C PHE B 176 10.81 3.22 -0.23
N PHE B 177 11.98 2.63 -0.01
CA PHE B 177 12.07 1.17 0.00
C PHE B 177 11.27 0.61 1.18
N GLY B 178 10.57 -0.50 0.93
CA GLY B 178 9.68 -1.07 1.91
C GLY B 178 8.27 -0.53 1.87
N GLU B 179 8.04 0.56 1.15
CA GLU B 179 6.69 1.10 1.03
C GLU B 179 6.04 0.61 -0.25
N PRO B 180 4.76 0.27 -0.20
CA PRO B 180 4.05 -0.10 -1.43
C PRO B 180 3.88 1.10 -2.36
N LEU B 181 3.76 0.79 -3.64
CA LEU B 181 3.63 1.82 -4.65
C LEU B 181 2.28 2.55 -4.49
N PRO B 182 2.16 3.75 -5.06
CA PRO B 182 0.91 4.50 -4.93
C PRO B 182 -0.28 3.73 -5.50
N GLN B 183 -1.47 4.22 -5.19
CA GLN B 183 -2.69 3.52 -5.57
C GLN B 183 -2.88 3.48 -7.08
N ARG B 184 -2.40 4.50 -7.80
CA ARG B 184 -2.55 4.53 -9.25
C ARG B 184 -1.76 3.40 -9.93
N PHE B 185 -0.79 2.81 -9.25
CA PHE B 185 -0.04 1.70 -9.83
C PHE B 185 -0.93 0.50 -10.13
N LEU B 186 -2.06 0.36 -9.44
CA LEU B 186 -2.99 -0.73 -9.71
C LEU B 186 -3.65 -0.63 -11.07
N LEU B 187 -3.45 0.47 -11.81
CA LEU B 187 -4.00 0.57 -13.15
C LEU B 187 -3.37 -0.42 -14.11
N HIS B 188 -2.25 -1.04 -13.75
CA HIS B 188 -1.60 -2.01 -14.61
C HIS B 188 -2.42 -3.27 -14.79
N VAL B 189 -3.37 -3.54 -13.89
CA VAL B 189 -4.25 -4.70 -14.04
C VAL B 189 -5.05 -4.60 -15.33
N VAL B 190 -5.48 -3.39 -15.70
CA VAL B 190 -6.25 -3.20 -16.92
C VAL B 190 -5.42 -2.62 -18.05
N ASP B 191 -4.40 -1.81 -17.76
CA ASP B 191 -3.64 -1.17 -18.84
C ASP B 191 -2.83 -2.17 -19.65
N PHE B 192 -2.00 -2.96 -18.96
CA PHE B 192 -1.09 -3.85 -19.67
C PHE B 192 -1.79 -4.92 -20.49
N PRO B 193 -2.89 -5.54 -20.05
CA PRO B 193 -3.62 -6.43 -20.97
C PRO B 193 -4.19 -5.70 -22.18
N MET B 194 -4.59 -4.44 -22.03
CA MET B 194 -5.14 -3.69 -23.16
C MET B 194 -4.07 -3.34 -24.18
N ALA B 195 -2.82 -3.21 -23.76
CA ALA B 195 -1.78 -2.68 -24.62
C ALA B 195 -1.51 -3.61 -25.80
N ASP B 196 -1.14 -3.01 -26.93
CA ASP B 196 -0.68 -3.74 -28.10
C ASP B 196 0.77 -3.43 -28.44
N LEU B 197 1.44 -2.57 -27.67
CA LEU B 197 2.85 -2.26 -27.86
C LEU B 197 3.41 -1.79 -26.53
N LEU B 198 4.58 -2.30 -26.17
CA LEU B 198 5.24 -1.98 -24.91
C LEU B 198 6.56 -1.28 -25.20
N LEU B 199 6.72 -0.06 -24.69
CA LEU B 199 7.95 0.70 -24.83
C LEU B 199 8.64 0.79 -23.48
N ILE B 200 9.91 0.39 -23.45
CA ILE B 200 10.72 0.42 -22.23
C ILE B 200 11.96 1.26 -22.52
N LEU B 201 12.11 2.37 -21.81
CA LEU B 201 13.10 3.37 -22.14
C LEU B 201 13.97 3.66 -20.92
N GLY B 202 15.27 3.42 -21.06
CA GLY B 202 16.26 3.85 -20.09
C GLY B 202 16.05 3.43 -18.65
N THR B 203 16.02 2.12 -18.40
CA THR B 203 15.86 1.62 -17.04
C THR B 203 16.57 0.29 -16.91
N SER B 204 17.18 0.06 -15.74
CA SER B 204 17.87 -1.20 -15.48
C SER B 204 16.93 -2.32 -15.05
N LEU B 205 15.67 -2.00 -14.75
CA LEU B 205 14.67 -3.00 -14.35
C LEU B 205 15.14 -3.81 -13.14
N GLU B 206 15.70 -3.11 -12.15
CA GLU B 206 16.21 -3.75 -10.94
C GLU B 206 15.42 -3.39 -9.69
N VAL B 207 14.24 -2.78 -9.85
CA VAL B 207 13.40 -2.40 -8.73
C VAL B 207 12.02 -3.02 -8.94
N GLU B 208 11.58 -3.83 -7.97
CA GLU B 208 10.28 -4.45 -7.94
C GLU B 208 9.29 -3.59 -7.14
N PRO B 209 7.98 -3.67 -7.43
CA PRO B 209 7.35 -4.50 -8.46
C PRO B 209 7.26 -3.85 -9.83
N PHE B 210 8.00 -2.76 -10.04
CA PHE B 210 7.93 -2.07 -11.33
C PHE B 210 8.51 -2.93 -12.45
N ALA B 211 9.64 -3.59 -12.18
CA ALA B 211 10.30 -4.36 -13.22
C ALA B 211 9.50 -5.58 -13.66
N SER B 212 8.56 -6.05 -12.84
N SER B 212 8.56 -6.05 -12.84
CA SER B 212 7.75 -7.20 -13.20
CA SER B 212 7.75 -7.20 -13.20
C SER B 212 6.66 -6.88 -14.20
C SER B 212 6.64 -6.88 -14.18
N LEU B 213 6.40 -5.60 -14.48
CA LEU B 213 5.34 -5.23 -15.41
C LEU B 213 5.66 -5.62 -16.84
N THR B 214 6.93 -5.88 -17.16
CA THR B 214 7.31 -6.27 -18.52
C THR B 214 6.65 -7.58 -18.96
N GLU B 215 6.21 -8.41 -18.01
CA GLU B 215 5.55 -9.66 -18.33
C GLU B 215 4.04 -9.54 -18.42
N ALA B 216 3.46 -8.41 -18.01
CA ALA B 216 2.02 -8.26 -17.92
C ALA B 216 1.35 -8.05 -19.27
N VAL B 217 2.11 -7.86 -20.34
CA VAL B 217 1.56 -7.74 -21.68
C VAL B 217 1.44 -9.13 -22.29
N ARG B 218 0.49 -9.28 -23.20
CA ARG B 218 0.30 -10.57 -23.88
C ARG B 218 1.52 -10.92 -24.71
N SER B 219 1.71 -12.22 -24.95
CA SER B 219 2.81 -12.67 -25.80
C SER B 219 2.63 -12.22 -27.25
N SER B 220 1.42 -11.83 -27.64
CA SER B 220 1.16 -11.28 -28.96
C SER B 220 1.53 -9.81 -29.06
N VAL B 221 2.05 -9.21 -28.00
CA VAL B 221 2.35 -7.79 -27.95
C VAL B 221 3.87 -7.61 -28.08
N PRO B 222 4.35 -6.85 -29.05
CA PRO B 222 5.79 -6.60 -29.13
C PRO B 222 6.28 -5.74 -27.98
N ARG B 223 7.52 -5.99 -27.57
CA ARG B 223 8.15 -5.26 -26.47
C ARG B 223 9.43 -4.61 -27.00
N LEU B 224 9.39 -3.30 -27.22
CA LEU B 224 10.53 -2.55 -27.72
C LEU B 224 11.29 -1.94 -26.55
N LEU B 225 12.60 -2.21 -26.50
CA LEU B 225 13.47 -1.72 -25.44
C LEU B 225 14.49 -0.76 -26.04
N ILE B 226 14.49 0.48 -25.56
CA ILE B 226 15.52 1.44 -25.93
C ILE B 226 16.36 1.74 -24.70
N ASN B 227 17.47 1.03 -24.55
CA ASN B 227 18.29 1.12 -23.37
C ASN B 227 19.73 0.76 -23.75
N ARG B 228 20.67 1.10 -22.87
CA ARG B 228 22.07 0.77 -23.11
C ARG B 228 22.29 -0.74 -23.16
N ASP B 229 21.56 -1.50 -22.35
CA ASP B 229 21.74 -2.94 -22.25
C ASP B 229 20.39 -3.63 -22.25
N LEU B 230 20.41 -4.92 -22.61
CA LEU B 230 19.27 -5.79 -22.42
C LEU B 230 19.27 -6.26 -20.97
N VAL B 231 18.24 -5.87 -20.22
CA VAL B 231 18.25 -6.01 -18.76
C VAL B 231 16.94 -6.60 -18.25
N GLY B 232 17.03 -7.20 -17.08
CA GLY B 232 15.86 -7.64 -16.34
C GLY B 232 15.11 -8.77 -17.01
N PRO B 233 13.78 -8.76 -16.87
CA PRO B 233 12.96 -9.83 -17.47
C PRO B 233 13.11 -9.94 -18.98
N LEU B 234 13.46 -8.85 -19.66
CA LEU B 234 13.72 -8.96 -21.10
C LEU B 234 14.95 -9.81 -21.39
N ALA B 235 15.91 -9.84 -20.44
CA ALA B 235 17.15 -10.55 -20.68
C ALA B 235 17.00 -12.05 -20.47
N TRP B 236 16.37 -12.46 -19.37
CA TRP B 236 16.23 -13.87 -19.06
C TRP B 236 14.88 -14.46 -19.44
N HIS B 237 13.90 -13.64 -19.82
CA HIS B 237 12.63 -14.12 -20.35
C HIS B 237 12.35 -13.48 -21.71
N PRO B 238 13.19 -13.77 -22.72
CA PRO B 238 12.99 -13.14 -24.02
C PRO B 238 11.79 -13.73 -24.76
N ARG B 239 11.23 -12.92 -25.65
CA ARG B 239 10.08 -13.31 -26.46
C ARG B 239 10.42 -13.15 -27.94
N SER B 240 9.51 -13.65 -28.78
CA SER B 240 9.75 -13.63 -30.22
C SER B 240 9.55 -12.24 -30.82
N ARG B 241 8.69 -11.43 -30.22
CA ARG B 241 8.39 -10.09 -30.74
C ARG B 241 9.11 -9.00 -29.98
N ASP B 242 10.24 -9.31 -29.35
CA ASP B 242 11.02 -8.32 -28.62
C ASP B 242 12.03 -7.66 -29.55
N VAL B 243 12.11 -6.34 -29.47
CA VAL B 243 13.08 -5.56 -30.24
C VAL B 243 13.95 -4.82 -29.26
N ALA B 244 15.26 -5.05 -29.33
CA ALA B 244 16.22 -4.46 -28.40
C ALA B 244 17.07 -3.45 -29.16
N GLN B 245 16.55 -2.23 -29.30
CA GLN B 245 17.32 -1.12 -29.84
C GLN B 245 18.31 -0.66 -28.77
N LEU B 246 19.45 -1.35 -28.74
CA LEU B 246 20.42 -1.16 -27.68
C LEU B 246 21.43 -0.09 -28.06
N GLY B 247 21.69 0.82 -27.13
CA GLY B 247 22.57 1.95 -27.36
C GLY B 247 22.15 3.12 -26.50
N ASP B 248 22.55 4.32 -26.92
CA ASP B 248 22.14 5.53 -26.21
C ASP B 248 20.63 5.71 -26.33
N VAL B 249 20.00 6.14 -25.24
CA VAL B 249 18.54 6.24 -25.20
C VAL B 249 18.06 7.31 -26.16
N VAL B 250 18.68 8.48 -26.13
CA VAL B 250 18.25 9.57 -27.01
C VAL B 250 18.54 9.22 -28.46
N HIS B 251 19.65 8.53 -28.72
CA HIS B 251 19.93 8.07 -30.08
C HIS B 251 18.85 7.13 -30.58
N GLY B 252 18.38 6.21 -29.72
CA GLY B 252 17.33 5.30 -30.13
C GLY B 252 16.01 6.00 -30.35
N VAL B 253 15.71 7.00 -29.53
CA VAL B 253 14.46 7.76 -29.70
C VAL B 253 14.52 8.59 -30.97
N GLU B 254 15.66 9.22 -31.26
CA GLU B 254 15.80 10.01 -32.48
C GLU B 254 15.63 9.13 -33.72
N SER B 255 16.11 7.89 -33.65
CA SER B 255 15.95 6.99 -34.79
C SER B 255 14.49 6.59 -34.97
N LEU B 256 13.79 6.30 -33.87
CA LEU B 256 12.37 5.96 -33.98
C LEU B 256 11.56 7.14 -34.48
N VAL B 257 11.86 8.35 -34.00
CA VAL B 257 11.12 9.53 -34.42
C VAL B 257 11.29 9.76 -35.93
N GLU B 258 12.49 9.51 -36.45
CA GLU B 258 12.72 9.68 -37.87
C GLU B 258 11.91 8.68 -38.69
N LEU B 259 11.91 7.41 -38.27
CA LEU B 259 11.17 6.38 -38.98
C LEU B 259 9.66 6.63 -38.92
N LEU B 260 9.19 7.36 -37.92
CA LEU B 260 7.79 7.76 -37.87
C LEU B 260 7.50 8.95 -38.77
N GLY B 261 8.50 9.71 -39.15
CA GLY B 261 8.29 10.95 -39.87
C GLY B 261 7.90 12.12 -39.00
N TRP B 262 8.20 12.05 -37.71
CA TRP B 262 7.81 13.07 -36.75
C TRP B 262 8.95 14.03 -36.40
N THR B 263 10.08 13.95 -37.10
CA THR B 263 11.27 14.69 -36.70
C THR B 263 11.01 16.19 -36.69
N GLU B 264 10.49 16.73 -37.80
CA GLU B 264 10.24 18.17 -37.86
C GLU B 264 9.16 18.59 -36.89
N GLU B 265 8.13 17.75 -36.69
CA GLU B 265 7.07 18.09 -35.75
C GLU B 265 7.58 18.06 -34.32
N MET B 266 8.45 17.12 -33.99
CA MET B 266 8.99 17.04 -32.63
C MET B 266 9.87 18.24 -32.33
N ARG B 267 10.75 18.62 -33.26
CA ARG B 267 11.65 19.74 -33.03
C ARG B 267 10.88 21.04 -32.86
N ASP B 268 9.82 21.24 -33.65
CA ASP B 268 8.96 22.40 -33.44
C ASP B 268 8.26 22.31 -32.08
N LEU B 269 7.84 21.12 -31.68
CA LEU B 269 7.24 20.93 -30.37
C LEU B 269 8.24 21.24 -29.26
N VAL B 270 9.47 20.70 -29.39
CA VAL B 270 10.50 20.95 -28.39
C VAL B 270 10.84 22.43 -28.31
N GLN B 271 10.96 23.09 -29.46
CA GLN B 271 11.29 24.51 -29.48
C GLN B 271 10.28 25.33 -28.70
N ARG B 272 8.98 25.12 -28.98
CA ARG B 272 7.95 25.94 -28.36
C ARG B 272 7.76 25.59 -26.89
N GLU B 273 8.06 24.35 -26.49
CA GLU B 273 7.85 23.96 -25.10
C GLU B 273 8.98 24.43 -24.19
N THR B 274 10.23 24.40 -24.69
CA THR B 274 11.34 24.88 -23.88
C THR B 274 11.28 26.39 -23.68
N GLY B 275 10.66 27.12 -24.61
CA GLY B 275 10.56 28.56 -24.46
C GLY B 275 9.62 28.97 -23.34
N LYS B 276 8.47 28.30 -23.24
CA LYS B 276 7.51 28.59 -22.18
C LYS B 276 7.97 28.11 -20.81
N LEU B 277 9.13 27.45 -20.72
CA LEU B 277 9.64 26.96 -19.46
C LEU B 277 10.73 27.88 -18.92
N GLY C 8 -10.97 -0.48 -6.06
CA GLY C 8 -11.13 0.45 -4.95
C GLY C 8 -11.14 1.90 -5.38
N ILE C 9 -12.03 2.69 -4.80
CA ILE C 9 -12.19 4.09 -5.17
C ILE C 9 -11.45 4.91 -4.11
N SER C 10 -10.18 5.20 -4.39
CA SER C 10 -9.33 6.06 -3.56
C SER C 10 -9.21 5.52 -2.13
N TYR C 11 -8.98 4.21 -2.01
CA TYR C 11 -8.71 3.59 -0.72
C TYR C 11 -7.22 3.66 -0.44
N GLY C 12 -6.84 4.39 0.62
CA GLY C 12 -5.44 4.67 0.88
C GLY C 12 -4.91 4.20 2.21
N ARG C 13 -4.12 5.06 2.87
CA ARG C 13 -3.39 4.68 4.07
C ARG C 13 -4.34 4.39 5.23
N LYS C 14 -3.79 3.78 6.27
CA LYS C 14 -4.48 3.67 7.54
C LYS C 14 -4.45 5.04 8.23
N LYS C 15 -5.64 5.60 8.48
CA LYS C 15 -5.75 6.96 8.98
C LYS C 15 -6.87 7.03 10.01
N ARG C 16 -6.76 8.03 10.89
CA ARG C 16 -7.72 8.23 11.96
C ARG C 16 -8.83 9.19 11.52
N ARG C 17 -10.03 8.97 12.05
CA ARG C 17 -11.22 9.67 11.60
C ARG C 17 -11.50 10.87 12.51
N GLN C 18 -12.73 11.36 12.49
CA GLN C 18 -13.13 12.53 13.26
C GLN C 18 -14.62 12.41 13.60
N ARG C 19 -15.27 13.56 13.84
CA ARG C 19 -16.72 13.71 13.92
C ARG C 19 -17.33 13.19 15.23
N ARG C 20 -16.57 13.11 16.32
CA ARG C 20 -17.12 12.55 17.55
C ARG C 20 -16.64 13.34 18.76
N ARG C 21 -17.22 12.99 19.91
CA ARG C 21 -16.85 13.56 21.21
C ARG C 21 -17.03 15.07 21.25
N GLY D 8 -0.52 -14.77 -11.16
CA GLY D 8 -0.41 -14.40 -9.77
C GLY D 8 -0.06 -12.94 -9.57
N ILE D 9 -0.82 -12.26 -8.71
CA ILE D 9 -0.63 -10.84 -8.44
C ILE D 9 -0.38 -10.70 -6.94
N SER D 10 0.89 -10.50 -6.57
CA SER D 10 1.29 -10.26 -5.19
C SER D 10 2.27 -9.09 -5.16
N TYR D 11 1.78 -7.92 -5.60
CA TYR D 11 2.63 -6.75 -5.84
C TYR D 11 2.60 -5.87 -4.60
N GLY D 12 3.69 -5.91 -3.82
CA GLY D 12 3.74 -5.21 -2.56
C GLY D 12 4.72 -4.06 -2.49
N ARG D 13 5.72 -4.18 -1.62
CA ARG D 13 6.60 -3.08 -1.30
C ARG D 13 7.57 -2.79 -2.44
N LYS D 14 8.06 -1.56 -2.47
CA LYS D 14 9.20 -1.22 -3.30
C LYS D 14 10.44 -1.92 -2.76
N LYS D 15 11.04 -2.78 -3.57
CA LYS D 15 12.12 -3.64 -3.11
C LYS D 15 13.17 -3.78 -4.20
N ARG D 16 14.41 -4.02 -3.76
CA ARG D 16 15.55 -4.13 -4.67
C ARG D 16 15.72 -5.58 -5.11
N ARG D 17 15.61 -5.81 -6.42
CA ARG D 17 15.68 -7.15 -6.99
C ARG D 17 17.12 -7.47 -7.37
N GLN D 18 17.61 -8.64 -6.93
CA GLN D 18 19.01 -8.98 -7.08
C GLN D 18 19.17 -10.44 -7.47
N ARG D 19 19.56 -10.69 -8.71
CA ARG D 19 20.33 -11.86 -9.13
C ARG D 19 19.54 -13.16 -9.26
N ARG D 20 18.23 -13.14 -9.09
CA ARG D 20 17.48 -14.39 -8.99
C ARG D 20 16.70 -14.76 -10.25
N ARG D 21 16.82 -13.99 -11.33
CA ARG D 21 16.13 -14.27 -12.58
C ARG D 21 14.62 -14.40 -12.38
#